data_5E3Q
#
_entry.id   5E3Q
#
_cell.length_a   92.457
_cell.length_b   92.457
_cell.length_c   282.341
_cell.angle_alpha   90.000
_cell.angle_beta   90.000
_cell.angle_gamma   120.000
#
_symmetry.space_group_name_H-M   'H 3 2'
#
loop_
_entity.id
_entity.type
_entity.pdbx_description
1 polymer '2,3,4,5-tetrahydropyridine-2,6-dicarboxylate N-succinyltransferase'
2 non-polymer 'SUCCINYL-COENZYME A'
3 water water
#
_entity_poly.entity_id   1
_entity_poly.type   'polypeptide(L)'
_entity_poly.pdbx_seq_one_letter_code
;TTASATGIATLTSTGDVLDVWYPEIGSTDQSALTPLEGVDEDRNVTRKIVTTTIDIDAAPTDTYDAWLRLHLLSHRVFRP
HTINLDGIFGLLNNVVWTNFGPCAVDGFALTRARLSRRGQVTVYSVDKFPRMVDYVVPSGVRIGDADRVRLGAYLADGTT
VMHEGFVNFNAGTLGASMVEGRISAGVTVDDGTDVGGGASIMGTLSGGGQHVISLGKRCLLGANSGCGIPLGDDCIIEAG
LYITAGTKVLFDGSLHKASTLAGSNGLIFRRDSVSGQVVAVPNTKVVELNTALHSNHHHHHH
;
_entity_poly.pdbx_strand_id   A
#
# COMPACT_ATOMS: atom_id res chain seq x y z
N THR A 1 -10.25 -15.88 9.51
CA THR A 1 -9.58 -15.97 10.80
C THR A 1 -10.31 -14.97 11.70
N THR A 2 -10.51 -15.32 12.96
CA THR A 2 -10.94 -14.35 13.97
C THR A 2 -9.78 -13.55 14.38
N ALA A 3 -9.83 -12.22 14.19
CA ALA A 3 -8.76 -11.38 14.60
C ALA A 3 -9.31 -10.25 15.51
N SER A 4 -8.52 -9.89 16.47
CA SER A 4 -8.93 -8.94 17.50
C SER A 4 -7.80 -8.03 17.92
N ALA A 5 -8.12 -6.77 18.27
CA ALA A 5 -7.11 -5.91 18.82
C ALA A 5 -7.78 -4.79 19.58
N THR A 6 -7.01 -4.26 20.51
CA THR A 6 -7.43 -3.07 21.25
C THR A 6 -6.67 -1.85 20.62
N GLY A 7 -7.42 -0.79 20.41
CA GLY A 7 -6.91 0.38 19.77
C GLY A 7 -7.53 1.67 20.30
N ILE A 8 -7.12 2.80 19.75
CA ILE A 8 -7.67 4.09 20.17
C ILE A 8 -8.20 4.79 18.91
N ALA A 9 -9.46 5.11 18.92
CA ALA A 9 -10.19 5.69 17.82
C ALA A 9 -10.39 7.19 17.97
N THR A 10 -10.37 7.89 16.86
CA THR A 10 -10.68 9.34 16.89
C THR A 10 -12.03 9.53 16.25
N LEU A 11 -13.01 10.10 16.99
CA LEU A 11 -14.39 10.24 16.55
C LEU A 11 -14.85 11.67 16.51
N THR A 12 -15.56 12.03 15.49
CA THR A 12 -16.13 13.41 15.37
C THR A 12 -17.32 13.49 16.35
N SER A 13 -17.84 14.70 16.51
CA SER A 13 -18.97 14.88 17.47
C SER A 13 -20.22 14.24 16.89
N THR A 14 -20.26 13.95 15.58
CA THR A 14 -21.33 13.13 15.03
C THR A 14 -21.10 11.63 14.97
N GLY A 15 -19.94 11.15 15.42
CA GLY A 15 -19.67 9.76 15.64
C GLY A 15 -18.97 9.06 14.44
N ASP A 16 -18.60 9.84 13.45
CA ASP A 16 -17.77 9.38 12.30
C ASP A 16 -16.37 9.06 12.81
N VAL A 17 -15.80 7.94 12.34
CA VAL A 17 -14.50 7.53 12.80
C VAL A 17 -13.46 8.08 11.82
N LEU A 18 -12.58 8.92 12.31
CA LEU A 18 -11.54 9.51 11.48
C LEU A 18 -10.34 8.56 11.38
N ASP A 19 -10.01 7.92 12.47
CA ASP A 19 -8.90 6.98 12.54
C ASP A 19 -9.06 5.99 13.67
N VAL A 20 -8.28 4.90 13.62
CA VAL A 20 -8.03 4.05 14.77
C VAL A 20 -6.57 3.65 14.74
N TRP A 21 -5.91 3.68 15.84
CA TRP A 21 -4.57 3.17 15.99
C TRP A 21 -4.57 1.94 16.83
N TYR A 22 -4.07 0.84 16.25
CA TYR A 22 -3.95 -0.41 17.02
C TYR A 22 -2.40 -0.68 17.13
N PRO A 23 -1.82 -0.37 18.24
CA PRO A 23 -0.35 -0.48 18.41
C PRO A 23 0.12 -1.92 18.32
N GLU A 24 -0.70 -2.82 18.76
CA GLU A 24 -0.34 -4.27 18.80
C GLU A 24 -1.53 -5.02 18.31
N ILE A 25 -1.30 -6.19 17.74
CA ILE A 25 -2.42 -7.03 17.29
C ILE A 25 -2.63 -8.13 18.33
N GLY A 26 -3.84 -8.36 18.75
CA GLY A 26 -4.17 -9.53 19.55
C GLY A 26 -3.92 -9.33 21.05
N SER A 27 -3.84 -8.09 21.53
CA SER A 27 -3.46 -7.81 22.96
C SER A 27 -4.63 -7.11 23.58
N THR A 28 -4.79 -7.23 24.90
CA THR A 28 -5.87 -6.47 25.59
C THR A 28 -5.26 -5.41 26.49
N ASP A 29 -3.94 -5.34 26.51
CA ASP A 29 -3.16 -4.29 27.19
C ASP A 29 -3.63 -2.88 26.68
N GLN A 30 -4.06 -2.03 27.64
CA GLN A 30 -4.50 -0.65 27.39
C GLN A 30 -3.56 0.46 27.88
N SER A 31 -2.49 0.11 28.56
CA SER A 31 -1.69 1.08 29.31
C SER A 31 -0.92 2.03 28.39
N ALA A 32 -0.59 1.63 27.17
CA ALA A 32 -0.12 2.57 26.16
C ALA A 32 -1.22 3.55 25.75
N LEU A 33 -2.46 3.11 25.84
CA LEU A 33 -3.53 3.86 25.23
C LEU A 33 -4.30 4.77 26.23
N THR A 34 -4.43 4.44 27.51
CA THR A 34 -5.26 5.32 28.40
C THR A 34 -4.78 6.77 28.48
N PRO A 35 -3.48 7.05 28.41
CA PRO A 35 -3.02 8.43 28.36
C PRO A 35 -3.33 9.20 27.11
N LEU A 36 -3.86 8.56 26.08
CA LEU A 36 -4.19 9.21 24.87
C LEU A 36 -5.65 9.48 24.69
N GLU A 37 -6.51 8.98 25.61
CA GLU A 37 -7.93 9.26 25.55
C GLU A 37 -8.20 10.72 25.96
N GLY A 38 -9.21 11.28 25.35
CA GLY A 38 -9.69 12.64 25.76
C GLY A 38 -10.39 13.37 24.67
N VAL A 39 -10.62 14.67 24.87
CA VAL A 39 -11.40 15.44 23.91
C VAL A 39 -10.53 16.56 23.49
N ASP A 40 -10.51 16.85 22.19
CA ASP A 40 -9.77 17.96 21.62
C ASP A 40 -10.79 18.92 21.06
N GLU A 41 -11.01 20.04 21.76
CA GLU A 41 -12.07 20.96 21.27
C GLU A 41 -11.69 21.76 20.04
N ASP A 42 -10.42 21.94 19.73
CA ASP A 42 -10.04 22.67 18.52
C ASP A 42 -10.36 21.84 17.26
N ARG A 43 -10.14 20.51 17.34
CA ARG A 43 -10.58 19.61 16.26
C ARG A 43 -11.98 19.10 16.34
N ASN A 44 -12.65 19.25 17.52
CA ASN A 44 -13.98 18.77 17.77
C ASN A 44 -14.06 17.25 17.65
N VAL A 45 -13.05 16.59 18.22
CA VAL A 45 -12.98 15.14 18.26
C VAL A 45 -12.78 14.59 19.67
N THR A 46 -13.13 13.29 19.81
CA THR A 46 -12.88 12.55 21.01
C THR A 46 -12.03 11.33 20.69
N ARG A 47 -11.03 11.05 21.49
CA ARG A 47 -10.24 9.84 21.34
C ARG A 47 -10.67 8.89 22.39
N LYS A 48 -11.00 7.67 21.99
CA LYS A 48 -11.48 6.66 22.87
C LYS A 48 -11.09 5.24 22.54
N ILE A 49 -10.73 4.48 23.55
CA ILE A 49 -10.29 3.09 23.37
C ILE A 49 -11.39 2.24 22.89
N VAL A 50 -11.07 1.32 21.98
CA VAL A 50 -12.07 0.41 21.41
C VAL A 50 -11.43 -0.95 21.37
N THR A 51 -12.26 -1.99 21.42
CA THR A 51 -11.78 -3.33 21.20
C THR A 51 -12.52 -3.86 19.97
N THR A 52 -11.77 -4.35 18.94
CA THR A 52 -12.35 -4.64 17.65
C THR A 52 -12.07 -6.12 17.36
N THR A 53 -13.10 -6.84 17.02
CA THR A 53 -13.01 -8.28 16.72
C THR A 53 -13.71 -8.53 15.42
N ILE A 54 -13.01 -9.21 14.46
CA ILE A 54 -13.47 -9.33 13.14
C ILE A 54 -13.28 -10.79 12.60
N ASP A 55 -14.00 -11.07 11.56
CA ASP A 55 -13.77 -12.28 10.73
C ASP A 55 -13.13 -11.78 9.42
N ILE A 56 -11.87 -12.11 9.25
CA ILE A 56 -11.12 -11.56 8.09
C ILE A 56 -11.62 -12.05 6.80
N ASP A 57 -12.41 -13.17 6.77
CA ASP A 57 -13.02 -13.61 5.55
C ASP A 57 -14.32 -13.00 5.20
N ALA A 58 -14.95 -12.29 6.14
CA ALA A 58 -16.17 -11.60 5.88
C ALA A 58 -15.86 -10.18 5.44
N ALA A 59 -16.77 -9.60 4.66
CA ALA A 59 -16.61 -8.17 4.26
C ALA A 59 -16.66 -7.27 5.52
N PRO A 60 -15.79 -6.21 5.57
CA PRO A 60 -15.87 -5.32 6.72
C PRO A 60 -17.30 -4.69 6.81
N THR A 61 -17.72 -4.46 8.06
CA THR A 61 -19.06 -3.89 8.25
C THR A 61 -19.11 -2.54 8.85
N ASP A 62 -17.97 -2.03 9.32
CA ASP A 62 -17.99 -0.63 9.89
C ASP A 62 -16.55 -0.07 9.82
N THR A 63 -16.44 1.21 10.12
CA THR A 63 -15.11 1.87 9.92
C THR A 63 -14.02 1.26 10.79
N TYR A 64 -14.28 0.84 12.02
CA TYR A 64 -13.31 0.28 12.94
C TYR A 64 -12.70 -1.02 12.31
N ASP A 65 -13.64 -1.81 11.77
CA ASP A 65 -13.35 -3.12 11.11
C ASP A 65 -12.38 -2.82 9.93
N ALA A 66 -12.70 -1.85 9.09
CA ALA A 66 -11.82 -1.45 8.02
C ALA A 66 -10.44 -1.06 8.48
N TRP A 67 -10.34 -0.19 9.51
CA TRP A 67 -9.06 0.13 10.09
C TRP A 67 -8.24 -1.02 10.66
N LEU A 68 -8.88 -1.99 11.30
CA LEU A 68 -8.16 -3.12 11.80
C LEU A 68 -7.56 -3.94 10.61
N ARG A 69 -8.33 -4.10 9.55
CA ARG A 69 -7.83 -4.83 8.38
C ARG A 69 -6.55 -4.20 7.78
N LEU A 70 -6.58 -2.87 7.67
CA LEU A 70 -5.34 -2.18 7.16
C LEU A 70 -4.23 -2.41 8.07
N HIS A 71 -4.42 -2.39 9.40
CA HIS A 71 -3.34 -2.68 10.32
C HIS A 71 -2.78 -4.11 10.20
N LEU A 72 -3.70 -5.10 10.05
CA LEU A 72 -3.29 -6.51 9.92
C LEU A 72 -2.31 -6.71 8.72
N LEU A 73 -2.58 -6.01 7.63
CA LEU A 73 -1.70 -6.03 6.44
C LEU A 73 -0.40 -5.37 6.78
N SER A 74 -0.38 -4.12 7.31
CA SER A 74 0.91 -3.46 7.52
C SER A 74 1.79 -3.97 8.66
N HIS A 75 1.15 -4.57 9.70
CA HIS A 75 1.89 -5.35 10.67
C HIS A 75 2.36 -6.72 10.15
N ARG A 76 1.97 -7.09 8.95
CA ARG A 76 2.41 -8.28 8.25
C ARG A 76 1.85 -9.57 8.90
N VAL A 77 0.75 -9.39 9.59
CA VAL A 77 0.00 -10.54 10.13
C VAL A 77 -0.69 -11.25 9.02
N PHE A 78 -1.19 -10.54 8.03
CA PHE A 78 -1.89 -11.01 6.87
C PHE A 78 -1.20 -10.47 5.64
N ARG A 79 -1.01 -11.30 4.60
CA ARG A 79 -0.50 -10.82 3.33
C ARG A 79 -1.57 -10.21 2.47
N PRO A 80 -1.18 -9.44 1.40
CA PRO A 80 -2.13 -8.95 0.43
C PRO A 80 -3.01 -10.07 -0.16
N HIS A 81 -4.27 -9.78 -0.34
CA HIS A 81 -5.32 -10.66 -0.87
C HIS A 81 -5.77 -11.71 0.11
N THR A 82 -5.31 -11.74 1.32
CA THR A 82 -5.66 -12.80 2.25
C THR A 82 -6.80 -12.38 3.15
N ILE A 83 -7.15 -11.08 3.14
CA ILE A 83 -8.23 -10.54 3.97
C ILE A 83 -9.25 -9.90 3.07
N ASN A 84 -10.56 -10.06 3.38
CA ASN A 84 -11.59 -9.51 2.58
C ASN A 84 -11.69 -7.99 2.79
N LEU A 85 -11.59 -7.25 1.70
CA LEU A 85 -11.62 -5.74 1.80
C LEU A 85 -12.80 -5.20 1.05
N ASP A 86 -13.80 -6.04 0.76
CA ASP A 86 -14.84 -5.57 -0.10
C ASP A 86 -15.63 -4.46 0.59
N GLY A 87 -15.81 -3.38 -0.13
CA GLY A 87 -16.56 -2.26 0.39
C GLY A 87 -15.78 -1.31 1.29
N ILE A 88 -14.44 -1.53 1.38
CA ILE A 88 -13.70 -0.65 2.30
C ILE A 88 -13.72 0.82 1.96
N PHE A 89 -13.79 1.15 0.69
CA PHE A 89 -13.80 2.54 0.32
C PHE A 89 -14.99 3.32 0.85
N GLY A 90 -16.12 2.62 0.89
CA GLY A 90 -17.31 3.16 1.49
C GLY A 90 -17.31 3.30 2.97
N LEU A 91 -16.43 2.65 3.70
CA LEU A 91 -16.39 2.66 5.13
C LEU A 91 -15.34 3.66 5.69
N LEU A 92 -14.37 4.07 4.87
CA LEU A 92 -13.33 4.98 5.36
C LEU A 92 -13.83 6.37 5.01
N ASN A 93 -13.66 7.27 5.95
CA ASN A 93 -13.95 8.68 5.73
C ASN A 93 -12.82 9.38 5.04
N ASN A 94 -13.10 10.44 4.23
CA ASN A 94 -12.05 11.35 3.85
C ASN A 94 -11.63 12.18 5.03
N VAL A 95 -10.31 12.27 5.30
CA VAL A 95 -9.76 12.95 6.45
C VAL A 95 -8.70 13.91 6.07
N VAL A 96 -8.57 15.05 6.82
CA VAL A 96 -7.46 15.93 6.61
C VAL A 96 -6.39 15.48 7.64
N TRP A 97 -5.23 15.02 7.14
CA TRP A 97 -4.18 14.48 8.00
C TRP A 97 -3.23 15.64 8.28
N THR A 98 -3.19 16.08 9.51
CA THR A 98 -2.40 17.27 9.93
C THR A 98 -1.34 16.95 10.95
N ASN A 99 -0.44 17.93 11.19
CA ASN A 99 0.51 17.84 12.30
C ASN A 99 -0.11 17.76 13.64
N PHE A 100 -1.40 18.15 13.78
CA PHE A 100 -2.16 18.01 15.00
C PHE A 100 -2.95 16.71 15.09
N GLY A 101 -2.89 15.89 14.05
CA GLY A 101 -3.70 14.72 13.98
C GLY A 101 -4.77 14.77 12.95
N PRO A 102 -5.54 13.67 12.83
CA PRO A 102 -6.65 13.76 11.89
C PRO A 102 -7.74 14.80 12.21
N CYS A 103 -8.28 15.42 11.19
CA CYS A 103 -9.34 16.42 11.30
C CYS A 103 -10.39 16.08 10.24
N ALA A 104 -11.66 16.35 10.60
CA ALA A 104 -12.76 16.21 9.63
C ALA A 104 -12.63 17.12 8.50
N VAL A 105 -13.00 16.68 7.31
CA VAL A 105 -13.01 17.52 6.23
C VAL A 105 -14.17 18.62 6.31
N ASP A 106 -15.30 18.21 6.80
CA ASP A 106 -16.40 19.20 6.93
C ASP A 106 -16.03 20.06 8.04
N GLY A 107 -16.08 21.34 7.78
CA GLY A 107 -15.75 22.31 8.81
C GLY A 107 -14.25 22.54 9.00
N PHE A 108 -13.38 22.12 8.02
CA PHE A 108 -11.96 22.19 8.28
C PHE A 108 -11.53 23.56 8.33
N ALA A 109 -12.18 24.46 7.57
CA ALA A 109 -11.73 25.83 7.65
C ALA A 109 -11.82 26.41 9.07
N LEU A 110 -12.88 26.11 9.79
CA LEU A 110 -13.01 26.58 11.16
C LEU A 110 -11.95 25.85 12.03
N THR A 111 -11.78 24.55 11.78
CA THR A 111 -10.78 23.79 12.51
C THR A 111 -9.42 24.39 12.39
N ARG A 112 -8.93 24.65 11.18
CA ARG A 112 -7.65 25.23 10.89
C ARG A 112 -7.45 26.55 11.67
N ALA A 113 -8.46 27.37 11.65
CA ALA A 113 -8.36 28.68 12.38
C ALA A 113 -8.18 28.40 13.88
N ARG A 114 -8.94 27.47 14.45
CA ARG A 114 -8.79 27.15 15.90
C ARG A 114 -7.38 26.68 16.16
N LEU A 115 -6.91 25.73 15.33
CA LEU A 115 -5.62 25.12 15.59
C LEU A 115 -4.47 26.10 15.42
N SER A 116 -4.66 27.09 14.53
CA SER A 116 -3.59 28.03 14.23
C SER A 116 -3.20 28.86 15.42
N ARG A 117 -4.07 28.92 16.40
CA ARG A 117 -3.66 29.57 17.70
C ARG A 117 -2.65 28.78 18.47
N ARG A 118 -2.54 27.54 18.22
CA ARG A 118 -1.60 26.73 18.94
C ARG A 118 -0.28 26.68 18.22
N GLY A 119 -0.28 26.84 16.91
CA GLY A 119 0.96 26.70 16.22
C GLY A 119 0.69 26.55 14.73
N GLN A 120 1.70 26.55 13.88
CA GLN A 120 1.52 26.40 12.46
C GLN A 120 0.80 25.07 12.13
N VAL A 121 -0.22 25.12 11.27
CA VAL A 121 -0.97 23.96 10.85
C VAL A 121 -0.41 23.51 9.48
N THR A 122 0.00 22.24 9.42
CA THR A 122 0.54 21.67 8.18
C THR A 122 -0.38 20.52 7.83
N VAL A 123 -0.82 20.46 6.60
CA VAL A 123 -1.69 19.39 6.13
C VAL A 123 -0.77 18.46 5.30
N TYR A 124 -0.68 17.21 5.70
CA TYR A 124 0.23 16.25 4.99
C TYR A 124 -0.50 15.60 3.82
N SER A 125 -1.84 15.44 3.89
CA SER A 125 -2.56 14.62 2.96
C SER A 125 -4.03 14.86 3.25
N VAL A 126 -4.88 14.66 2.27
CA VAL A 126 -6.34 14.67 2.46
C VAL A 126 -6.78 13.41 1.79
N ASP A 127 -7.16 12.38 2.56
CA ASP A 127 -7.49 11.09 1.94
C ASP A 127 -8.19 10.18 2.85
N LYS A 128 -8.61 9.06 2.32
CA LYS A 128 -9.26 8.05 3.10
C LYS A 128 -8.26 7.08 3.77
N PHE A 129 -7.03 7.03 3.23
CA PHE A 129 -5.95 6.22 3.75
C PHE A 129 -4.86 7.10 4.30
N PRO A 130 -4.38 6.85 5.53
CA PRO A 130 -3.28 7.57 6.06
C PRO A 130 -1.95 7.02 5.58
N ARG A 131 -0.90 7.69 6.04
CA ARG A 131 0.52 7.24 5.82
C ARG A 131 0.77 6.11 6.72
N MET A 132 1.18 4.97 6.20
CA MET A 132 1.39 3.79 7.02
C MET A 132 2.20 4.00 8.27
N VAL A 133 3.37 4.68 8.09
CA VAL A 133 4.35 4.84 9.15
C VAL A 133 3.82 5.61 10.38
N ASP A 134 2.75 6.37 10.24
CA ASP A 134 2.12 7.04 11.32
C ASP A 134 1.34 6.12 12.26
N TYR A 135 1.22 4.82 11.89
CA TYR A 135 0.48 3.75 12.61
C TYR A 135 1.41 2.56 12.85
N VAL A 136 2.27 2.16 11.89
CA VAL A 136 3.20 1.03 12.08
C VAL A 136 4.45 1.22 11.22
N VAL A 137 5.55 1.01 11.83
CA VAL A 137 6.85 0.90 11.13
C VAL A 137 7.24 -0.60 11.24
N PRO A 138 7.07 -1.37 10.19
CA PRO A 138 7.46 -2.77 10.22
C PRO A 138 8.98 -2.95 10.31
N SER A 139 9.41 -4.09 10.83
CA SER A 139 10.89 -4.31 10.99
C SER A 139 11.57 -4.63 9.63
N GLY A 140 12.82 -4.17 9.55
CA GLY A 140 13.72 -4.52 8.41
C GLY A 140 13.41 -3.75 7.17
N VAL A 141 12.79 -2.58 7.32
CA VAL A 141 12.37 -1.76 6.10
C VAL A 141 12.96 -0.36 6.15
N ARG A 142 13.21 0.18 4.94
CA ARG A 142 13.52 1.59 4.76
C ARG A 142 12.48 2.15 3.83
N ILE A 143 12.10 3.38 4.10
CA ILE A 143 11.19 4.15 3.30
C ILE A 143 11.70 5.58 3.16
N GLY A 144 12.08 6.00 1.95
CA GLY A 144 12.66 7.31 1.74
C GLY A 144 11.72 8.44 1.98
N ASP A 145 10.55 8.42 1.35
CA ASP A 145 9.52 9.42 1.44
C ASP A 145 8.27 8.67 1.95
N ALA A 146 8.05 8.79 3.24
CA ALA A 146 6.98 7.98 3.85
C ALA A 146 5.59 8.52 3.59
N ASP A 147 5.46 9.57 2.79
CA ASP A 147 4.18 9.87 2.26
C ASP A 147 3.72 8.84 1.29
N ARG A 148 4.61 8.05 0.73
CA ARG A 148 4.27 7.19 -0.44
C ARG A 148 4.03 5.72 -0.09
N VAL A 149 3.70 5.39 1.17
CA VAL A 149 3.34 4.09 1.54
C VAL A 149 2.01 4.21 2.32
N ARG A 150 0.95 3.74 1.74
CA ARG A 150 -0.38 3.84 2.45
C ARG A 150 -0.49 2.80 3.53
N LEU A 151 -1.17 3.12 4.65
CA LEU A 151 -1.58 2.10 5.56
C LEU A 151 -2.42 1.03 4.81
N GLY A 152 -2.02 -0.23 5.10
CA GLY A 152 -2.51 -1.39 4.37
C GLY A 152 -1.48 -1.93 3.39
N ALA A 153 -0.36 -1.25 3.23
CA ALA A 153 0.82 -1.81 2.50
C ALA A 153 1.53 -2.85 3.35
N TYR A 154 2.02 -3.89 2.68
CA TYR A 154 2.78 -4.98 3.28
C TYR A 154 4.21 -4.96 2.72
N LEU A 155 5.14 -4.65 3.58
CA LEU A 155 6.59 -4.49 3.23
C LEU A 155 7.38 -5.49 3.98
N ALA A 156 7.74 -6.56 3.29
CA ALA A 156 8.56 -7.60 3.92
C ALA A 156 9.93 -7.20 4.36
N ASP A 157 10.45 -7.91 5.40
CA ASP A 157 11.76 -7.68 5.85
C ASP A 157 12.80 -7.63 4.73
N GLY A 158 13.67 -6.64 4.73
CA GLY A 158 14.65 -6.46 3.69
C GLY A 158 14.24 -5.53 2.50
N THR A 159 13.08 -4.92 2.59
CA THR A 159 12.54 -4.01 1.57
C THR A 159 13.03 -2.62 1.79
N THR A 160 13.41 -1.95 0.68
CA THR A 160 13.66 -0.54 0.66
C THR A 160 12.69 0.07 -0.31
N VAL A 161 11.87 1.01 0.15
CA VAL A 161 11.01 1.76 -0.79
C VAL A 161 11.73 3.09 -0.93
N MET A 162 12.33 3.31 -2.09
CA MET A 162 12.97 4.62 -2.31
C MET A 162 11.91 5.70 -2.53
N HIS A 163 12.41 6.95 -2.61
CA HIS A 163 11.56 8.14 -2.66
C HIS A 163 10.65 8.06 -3.88
N GLU A 164 11.14 7.46 -4.99
CA GLU A 164 10.30 7.35 -6.16
C GLU A 164 9.31 6.13 -6.09
N GLY A 165 9.53 5.24 -5.12
CA GLY A 165 8.64 4.13 -4.92
C GLY A 165 7.31 4.59 -4.37
N PHE A 166 6.27 3.79 -4.61
CA PHE A 166 4.94 4.02 -4.07
C PHE A 166 4.30 2.67 -3.81
N VAL A 167 3.66 2.49 -2.63
CA VAL A 167 3.05 1.16 -2.41
C VAL A 167 1.67 1.47 -1.86
N ASN A 168 0.68 1.01 -2.57
CA ASN A 168 -0.74 1.17 -2.24
C ASN A 168 -1.17 0.14 -1.18
N PHE A 169 -2.42 0.27 -0.71
CA PHE A 169 -2.94 -0.69 0.27
C PHE A 169 -3.12 -2.04 -0.44
N ASN A 170 -3.19 -3.08 0.37
CA ASN A 170 -3.40 -4.46 -0.14
C ASN A 170 -2.37 -4.82 -1.23
N ALA A 171 -1.12 -4.43 -0.96
CA ALA A 171 -0.03 -4.49 -1.96
C ALA A 171 1.23 -4.52 -1.27
N GLY A 172 2.24 -4.98 -1.99
CA GLY A 172 3.62 -4.80 -1.58
C GLY A 172 4.61 -5.94 -1.89
N THR A 173 5.47 -6.16 -1.01
CA THR A 173 6.67 -7.01 -1.22
C THR A 173 6.54 -8.20 -0.28
N LEU A 174 6.71 -9.40 -0.88
CA LEU A 174 6.69 -10.63 -0.04
C LEU A 174 7.97 -11.06 0.50
N GLY A 175 9.10 -10.53 -0.03
CA GLY A 175 10.39 -10.63 0.48
C GLY A 175 11.25 -9.39 0.29
N ALA A 176 12.54 -9.56 0.08
CA ALA A 176 13.49 -8.48 0.08
C ALA A 176 13.46 -7.89 -1.32
N SER A 177 13.05 -6.61 -1.43
CA SER A 177 12.97 -5.95 -2.73
C SER A 177 13.41 -4.50 -2.60
N MET A 178 13.99 -3.96 -3.69
CA MET A 178 14.26 -2.51 -3.81
C MET A 178 13.13 -1.96 -4.67
N VAL A 179 12.30 -1.07 -4.10
CA VAL A 179 11.12 -0.64 -4.77
C VAL A 179 11.29 0.87 -5.04
N GLU A 180 11.47 1.22 -6.32
CA GLU A 180 11.69 2.60 -6.75
C GLU A 180 10.63 3.03 -7.73
N GLY A 181 9.58 2.24 -7.89
CA GLY A 181 8.44 2.50 -8.71
C GLY A 181 7.15 2.10 -8.01
N ARG A 182 6.09 2.08 -8.78
CA ARG A 182 4.72 2.08 -8.22
C ARG A 182 4.09 0.71 -8.19
N ILE A 183 3.75 0.28 -6.99
CA ILE A 183 3.09 -0.99 -6.75
C ILE A 183 1.64 -0.67 -6.45
N SER A 184 0.78 -0.87 -7.44
CA SER A 184 -0.68 -0.53 -7.35
C SER A 184 -1.40 -1.42 -6.37
N ALA A 185 -2.63 -1.03 -6.00
CA ALA A 185 -3.41 -1.83 -5.07
C ALA A 185 -3.63 -3.25 -5.61
N GLY A 186 -3.38 -4.19 -4.76
CA GLY A 186 -3.55 -5.62 -5.11
C GLY A 186 -2.37 -6.21 -5.82
N VAL A 187 -1.30 -5.49 -6.02
CA VAL A 187 -0.08 -6.02 -6.67
C VAL A 187 0.91 -6.50 -5.63
N THR A 188 1.55 -7.68 -5.83
CA THR A 188 2.64 -8.07 -4.98
C THR A 188 3.84 -8.45 -5.88
N VAL A 189 5.01 -8.28 -5.36
CA VAL A 189 6.24 -8.72 -5.99
C VAL A 189 6.92 -9.67 -4.98
N ASP A 190 7.46 -10.77 -5.51
CA ASP A 190 8.07 -11.79 -4.63
C ASP A 190 9.54 -11.53 -4.43
N ASP A 191 10.23 -12.31 -3.57
CA ASP A 191 11.50 -12.07 -3.06
C ASP A 191 12.58 -11.78 -4.13
N GLY A 192 13.39 -10.77 -3.93
CA GLY A 192 14.43 -10.44 -4.86
C GLY A 192 14.04 -9.66 -6.11
N THR A 193 12.79 -9.31 -6.26
CA THR A 193 12.28 -8.55 -7.38
C THR A 193 12.56 -7.09 -7.08
N ASP A 194 13.16 -6.42 -8.06
CA ASP A 194 13.49 -4.98 -7.92
C ASP A 194 12.72 -4.18 -8.95
N VAL A 195 12.12 -3.10 -8.49
CA VAL A 195 11.25 -2.23 -9.30
C VAL A 195 12.05 -0.97 -9.47
N GLY A 196 12.46 -0.77 -10.70
CA GLY A 196 13.29 0.41 -11.01
C GLY A 196 12.59 1.75 -10.95
N GLY A 197 13.42 2.80 -10.94
CA GLY A 197 12.92 4.13 -10.74
C GLY A 197 11.84 4.54 -11.72
N GLY A 198 10.67 4.94 -11.23
CA GLY A 198 9.54 5.32 -12.06
C GLY A 198 8.78 4.24 -12.81
N ALA A 199 9.15 2.97 -12.54
CA ALA A 199 8.43 1.86 -13.14
C ALA A 199 7.01 1.77 -12.62
N SER A 200 6.08 1.22 -13.39
CA SER A 200 4.67 1.16 -13.05
C SER A 200 4.22 -0.27 -13.09
N ILE A 201 3.62 -0.78 -12.05
CA ILE A 201 2.96 -2.09 -12.12
C ILE A 201 1.48 -1.90 -11.92
N MET A 202 0.72 -2.19 -12.96
CA MET A 202 -0.77 -2.09 -13.00
C MET A 202 -1.36 -3.09 -12.03
N GLY A 203 -2.51 -2.75 -11.43
CA GLY A 203 -3.34 -3.76 -10.74
C GLY A 203 -4.54 -3.79 -11.74
N VAL A 212 -5.13 -9.30 -9.70
CA VAL A 212 -4.87 -9.82 -11.02
C VAL A 212 -3.36 -9.78 -11.25
N ILE A 213 -2.61 -8.69 -10.96
CA ILE A 213 -1.13 -8.76 -11.34
C ILE A 213 -0.21 -9.03 -10.17
N SER A 214 0.74 -9.96 -10.29
CA SER A 214 1.81 -10.16 -9.37
C SER A 214 3.05 -10.51 -10.19
N LEU A 215 4.18 -10.29 -9.59
CA LEU A 215 5.46 -10.70 -10.10
C LEU A 215 6.06 -11.68 -9.17
N GLY A 216 6.78 -12.64 -9.75
CA GLY A 216 7.49 -13.64 -8.99
C GLY A 216 8.79 -13.18 -8.45
N LYS A 217 9.75 -14.11 -8.31
CA LYS A 217 10.99 -13.89 -7.67
C LYS A 217 12.09 -13.39 -8.61
N ARG A 218 12.91 -12.48 -8.13
CA ARG A 218 14.12 -12.09 -8.87
C ARG A 218 13.83 -11.42 -10.20
N CYS A 219 12.71 -10.79 -10.29
CA CYS A 219 12.37 -9.98 -11.51
C CYS A 219 13.03 -8.63 -11.42
N LEU A 220 13.20 -8.01 -12.61
CA LEU A 220 13.81 -6.67 -12.66
C LEU A 220 12.94 -5.84 -13.61
N LEU A 221 12.33 -4.78 -13.11
CA LEU A 221 11.63 -3.83 -13.96
C LEU A 221 12.55 -2.64 -14.10
N GLY A 222 13.00 -2.40 -15.33
CA GLY A 222 13.85 -1.24 -15.60
C GLY A 222 13.22 0.09 -15.25
N ALA A 223 14.07 1.08 -15.08
CA ALA A 223 13.56 2.39 -14.85
C ALA A 223 12.57 2.83 -15.96
N ASN A 224 11.51 3.49 -15.53
CA ASN A 224 10.46 3.97 -16.39
C ASN A 224 9.75 2.92 -17.25
N SER A 225 9.85 1.63 -16.84
CA SER A 225 9.20 0.57 -17.50
C SER A 225 7.77 0.44 -16.97
N GLY A 226 7.02 -0.47 -17.56
CA GLY A 226 5.68 -0.75 -17.07
C GLY A 226 5.34 -2.20 -17.29
N CYS A 227 4.51 -2.68 -16.39
CA CYS A 227 4.13 -4.12 -16.45
C CYS A 227 2.62 -4.18 -16.21
N GLY A 228 1.90 -4.64 -17.23
CA GLY A 228 0.47 -4.76 -17.20
C GLY A 228 0.01 -6.23 -17.15
N ILE A 229 0.96 -7.15 -16.99
CA ILE A 229 0.66 -8.60 -16.94
C ILE A 229 1.35 -9.20 -15.74
N PRO A 230 0.80 -10.31 -15.23
CA PRO A 230 1.58 -11.07 -14.23
C PRO A 230 2.85 -11.64 -14.86
N LEU A 231 3.91 -11.71 -14.03
CA LEU A 231 5.19 -12.35 -14.44
C LEU A 231 5.54 -13.39 -13.44
N GLY A 232 6.20 -14.47 -13.90
CA GLY A 232 6.78 -15.43 -13.02
C GLY A 232 8.09 -14.97 -12.49
N ASP A 233 9.10 -15.87 -12.43
CA ASP A 233 10.34 -15.58 -11.86
C ASP A 233 11.39 -15.19 -12.94
N ASP A 234 12.37 -14.42 -12.52
CA ASP A 234 13.58 -14.12 -13.36
C ASP A 234 13.23 -13.48 -14.72
N CYS A 235 12.22 -12.64 -14.73
CA CYS A 235 11.84 -11.82 -15.91
C CYS A 235 12.45 -10.44 -15.77
N ILE A 236 12.71 -9.84 -16.92
CA ILE A 236 13.29 -8.50 -16.97
C ILE A 236 12.48 -7.74 -17.95
N ILE A 237 12.11 -6.46 -17.59
CA ILE A 237 11.47 -5.59 -18.59
C ILE A 237 12.47 -4.42 -18.75
N GLU A 238 12.92 -4.24 -20.00
CA GLU A 238 13.90 -3.15 -20.31
C GLU A 238 13.44 -1.77 -19.81
N ALA A 239 14.40 -0.95 -19.37
CA ALA A 239 14.09 0.44 -19.06
C ALA A 239 13.32 1.12 -20.20
N GLY A 240 12.26 1.84 -19.81
CA GLY A 240 11.50 2.59 -20.75
C GLY A 240 10.45 1.82 -21.50
N LEU A 241 10.28 0.54 -21.26
CA LEU A 241 9.41 -0.29 -22.07
C LEU A 241 8.16 -0.62 -21.22
N TYR A 242 6.99 -0.34 -21.82
CA TYR A 242 5.71 -0.64 -21.10
C TYR A 242 5.06 -1.84 -21.77
N ILE A 243 4.99 -2.97 -21.09
CA ILE A 243 4.25 -4.17 -21.58
C ILE A 243 2.79 -4.10 -21.11
N THR A 244 1.90 -3.72 -22.00
CA THR A 244 0.46 -3.83 -21.75
C THR A 244 -0.07 -5.17 -22.14
N ALA A 245 -1.25 -5.49 -21.62
CA ALA A 245 -1.81 -6.84 -21.88
C ALA A 245 -2.02 -7.07 -23.36
N GLY A 246 -2.31 -6.01 -24.09
CA GLY A 246 -2.52 -6.03 -25.50
C GLY A 246 -1.30 -5.94 -26.42
N THR A 247 -0.11 -5.62 -25.85
CA THR A 247 1.08 -5.55 -26.62
C THR A 247 1.31 -6.88 -27.31
N LYS A 248 1.64 -6.81 -28.62
CA LYS A 248 2.04 -8.09 -29.32
C LYS A 248 3.57 -8.24 -29.31
N VAL A 249 4.07 -9.31 -28.70
CA VAL A 249 5.44 -9.56 -28.40
C VAL A 249 5.98 -10.71 -29.31
N LEU A 250 7.13 -10.45 -29.94
CA LEU A 250 7.78 -11.48 -30.76
C LEU A 250 8.60 -12.37 -29.86
N PHE A 251 8.29 -13.65 -29.86
CA PHE A 251 9.06 -14.66 -29.07
C PHE A 251 9.26 -15.90 -30.00
N ASP A 252 10.54 -16.16 -30.25
CA ASP A 252 10.94 -17.37 -31.09
C ASP A 252 10.24 -17.36 -32.46
N GLY A 253 10.24 -16.25 -33.16
CA GLY A 253 9.62 -16.12 -34.46
C GLY A 253 8.13 -16.00 -34.56
N SER A 254 7.38 -15.98 -33.44
CA SER A 254 5.93 -15.84 -33.49
C SER A 254 5.44 -14.64 -32.62
N LEU A 255 4.33 -14.04 -33.00
CA LEU A 255 3.78 -12.85 -32.22
C LEU A 255 2.79 -13.38 -31.20
N HIS A 256 2.93 -12.95 -29.94
CA HIS A 256 1.98 -13.31 -28.90
C HIS A 256 1.48 -12.12 -28.13
N LYS A 257 0.17 -11.97 -27.92
CA LYS A 257 -0.30 -10.92 -27.06
C LYS A 257 0.28 -11.17 -25.73
N ALA A 258 0.67 -10.09 -25.05
CA ALA A 258 1.31 -10.23 -23.80
C ALA A 258 0.47 -10.92 -22.70
N SER A 259 -0.82 -10.75 -22.78
CA SER A 259 -1.72 -11.41 -21.84
C SER A 259 -1.49 -12.92 -21.84
N THR A 260 -1.12 -13.45 -22.98
CA THR A 260 -0.82 -14.89 -23.06
C THR A 260 0.50 -15.29 -22.57
N LEU A 261 1.43 -14.33 -22.28
CA LEU A 261 2.69 -14.60 -21.69
C LEU A 261 2.64 -14.38 -20.17
N ALA A 262 1.44 -14.14 -19.61
CA ALA A 262 1.24 -14.00 -18.18
C ALA A 262 1.85 -15.14 -17.41
N GLY A 263 2.63 -14.89 -16.40
CA GLY A 263 3.15 -15.85 -15.50
C GLY A 263 4.42 -16.56 -16.02
N SER A 264 4.91 -16.20 -17.19
CA SER A 264 6.13 -16.75 -17.73
C SER A 264 7.33 -16.56 -16.83
N ASN A 265 8.21 -17.55 -16.83
CA ASN A 265 9.46 -17.47 -16.16
C ASN A 265 10.55 -17.20 -17.18
N GLY A 266 11.53 -16.43 -16.75
CA GLY A 266 12.78 -16.28 -17.41
C GLY A 266 12.70 -15.63 -18.83
N LEU A 267 11.91 -14.57 -18.95
CA LEU A 267 11.82 -13.82 -20.21
C LEU A 267 12.40 -12.39 -20.00
N ILE A 268 13.14 -11.93 -20.98
CA ILE A 268 13.62 -10.52 -21.03
C ILE A 268 12.84 -9.88 -22.16
N PHE A 269 12.10 -8.82 -21.82
CA PHE A 269 11.30 -8.02 -22.75
C PHE A 269 12.09 -6.78 -23.13
N ARG A 270 12.26 -6.49 -24.44
CA ARG A 270 12.97 -5.32 -24.86
C ARG A 270 12.26 -4.83 -26.10
N ARG A 271 12.50 -3.57 -26.40
CA ARG A 271 12.01 -3.01 -27.68
C ARG A 271 13.28 -2.92 -28.56
N ASP A 272 13.30 -3.67 -29.66
CA ASP A 272 14.46 -3.61 -30.55
C ASP A 272 14.70 -2.21 -31.02
N SER A 273 15.94 -1.74 -30.82
CA SER A 273 16.14 -0.33 -31.10
C SER A 273 16.28 -0.06 -32.58
N VAL A 274 16.51 -1.10 -33.35
CA VAL A 274 16.63 -0.93 -34.84
C VAL A 274 15.29 -0.99 -35.52
N SER A 275 14.46 -2.02 -35.20
CA SER A 275 13.20 -2.23 -35.83
C SER A 275 12.08 -1.59 -35.09
N GLY A 276 12.20 -1.29 -33.78
CA GLY A 276 11.12 -0.78 -32.93
C GLY A 276 10.11 -1.86 -32.44
N GLN A 277 10.43 -3.10 -32.76
CA GLN A 277 9.59 -4.25 -32.43
C GLN A 277 9.79 -4.69 -30.96
N VAL A 278 8.68 -4.98 -30.25
CA VAL A 278 8.77 -5.54 -28.93
C VAL A 278 9.07 -7.03 -29.04
N VAL A 279 10.10 -7.48 -28.32
CA VAL A 279 10.55 -8.84 -28.38
C VAL A 279 10.70 -9.38 -26.96
N ALA A 280 10.60 -10.70 -26.80
CA ALA A 280 10.98 -11.32 -25.61
C ALA A 280 12.02 -12.43 -25.94
N VAL A 281 13.07 -12.49 -25.17
CA VAL A 281 14.09 -13.52 -25.33
C VAL A 281 14.30 -14.21 -24.02
N PRO A 282 14.78 -15.44 -24.07
CA PRO A 282 15.10 -16.15 -22.80
C PRO A 282 16.17 -15.53 -22.01
N ASN A 283 15.99 -15.55 -20.70
CA ASN A 283 16.96 -14.94 -19.81
C ASN A 283 18.05 -16.00 -19.56
N THR A 284 19.12 -15.91 -20.33
CA THR A 284 20.20 -16.92 -20.33
C THR A 284 21.00 -16.65 -19.06
N LYS A 285 21.53 -17.73 -18.48
CA LYS A 285 22.10 -17.70 -17.14
C LYS A 285 21.32 -16.63 -16.30
N VAL A 286 20.12 -16.88 -15.78
CA VAL A 286 19.46 -18.23 -15.59
C VAL A 286 19.44 -19.25 -16.73
#